data_6SFG
#
_entry.id   6SFG
#
_cell.length_a   46.582
_cell.length_b   114.158
_cell.length_c   42.478
_cell.angle_alpha   90.000
_cell.angle_beta   90.000
_cell.angle_gamma   90.000
#
_symmetry.space_group_name_H-M   'P 21 21 2'
#
loop_
_entity.id
_entity.type
_entity.pdbx_description
1 polymer '3-dehydroquinate dehydratase'
2 non-polymer '(1~{R},3~{S},4~{R},5~{R})-3-methyl-4,5-bis(hydroxyl)cyclohexane-1-carboxylic acid'
3 non-polymer '(1~{S},3~{R},4~{S},5~{R})-3-methyl-3,4,5-tris(hydroxyl)cyclohexane-1-carboxylic Acid'
4 water water
#
_entity_poly.entity_id   1
_entity_poly.type   'polypeptide(L)'
_entity_poly.pdbx_seq_one_letter_code
;MKTVTVKNLIIGEGMPKIIVSLMGRDINSVKAEALAYREATFDILEWRVDHFMDIASTQSVLTAARVIRDAMPDIPLLFT
FRSAKEGGEQTITTQHYLTLNRAAIDSGLVDMIDLELFTGDADVKATVDYAHAHNVYVVMSNHDFHQTPSAEEMVLRLRK
MQALGADIPKIAVMPQSKHDVLTLLTATLEMQQHYADRPVITMSMAKEGVISRLAGEVFGSAATFGAVKQASAPGQIAVN
DLRSVLMILHNA
;
_entity_poly.pdbx_strand_id   A
#
# COMPACT_ATOMS: atom_id res chain seq x y z
N MET A 1 7.57 3.29 -18.49
CA MET A 1 7.05 2.60 -17.26
C MET A 1 7.95 1.45 -16.90
N LYS A 2 8.28 1.36 -15.64
CA LYS A 2 8.97 0.22 -15.05
CA LYS A 2 8.95 0.20 -15.07
C LYS A 2 7.96 -0.47 -14.11
N THR A 3 7.35 -1.57 -14.56
CA THR A 3 6.40 -2.33 -13.74
C THR A 3 7.14 -3.06 -12.62
N VAL A 4 6.36 -3.51 -11.64
CA VAL A 4 6.90 -4.25 -10.52
C VAL A 4 6.27 -5.64 -10.51
N THR A 5 7.09 -6.66 -10.71
CA THR A 5 6.62 -8.02 -10.67
C THR A 5 6.99 -8.67 -9.36
N VAL A 6 5.96 -9.10 -8.62
CA VAL A 6 6.15 -9.83 -7.37
CA VAL A 6 6.14 -9.81 -7.36
C VAL A 6 5.37 -11.14 -7.49
N LYS A 7 6.09 -12.25 -7.38
CA LYS A 7 5.48 -13.57 -7.42
C LYS A 7 4.51 -13.72 -8.59
N ASN A 8 4.99 -13.37 -9.77
CA ASN A 8 4.19 -13.46 -11.00
CA ASN A 8 4.20 -13.42 -11.01
C ASN A 8 2.92 -12.57 -11.00
N LEU A 9 2.86 -11.57 -10.13
CA LEU A 9 1.81 -10.55 -10.18
C LEU A 9 2.52 -9.32 -10.76
N ILE A 10 1.99 -8.72 -11.84
CA ILE A 10 2.61 -7.54 -12.48
C ILE A 10 1.83 -6.32 -12.09
N ILE A 11 2.47 -5.45 -11.29
CA ILE A 11 1.86 -4.22 -10.81
C ILE A 11 2.23 -3.11 -11.81
N GLY A 12 1.20 -2.45 -12.36
CA GLY A 12 1.40 -1.39 -13.37
C GLY A 12 0.98 -1.79 -14.78
N GLU A 13 0.33 -2.95 -14.91
CA GLU A 13 -0.32 -3.39 -16.15
C GLU A 13 -1.67 -3.98 -15.81
N GLY A 14 -2.57 -4.01 -16.79
CA GLY A 14 -3.82 -4.70 -16.63
C GLY A 14 -4.74 -4.08 -15.58
N MET A 15 -5.52 -4.94 -14.94
CA MET A 15 -6.50 -4.53 -13.92
CA MET A 15 -6.47 -4.50 -13.90
C MET A 15 -5.74 -4.06 -12.66
N PRO A 16 -6.21 -3.00 -11.97
CA PRO A 16 -5.60 -2.67 -10.69
C PRO A 16 -5.60 -3.86 -9.75
N LYS A 17 -4.51 -4.00 -9.02
CA LYS A 17 -4.35 -5.13 -8.12
C LYS A 17 -5.05 -4.86 -6.78
N ILE A 18 -5.67 -5.89 -6.24
CA ILE A 18 -6.47 -5.79 -5.03
C ILE A 18 -5.58 -6.13 -3.82
N ILE A 19 -5.50 -5.18 -2.89
CA ILE A 19 -4.75 -5.34 -1.65
C ILE A 19 -5.74 -5.39 -0.51
N VAL A 20 -5.56 -6.33 0.42
CA VAL A 20 -6.31 -6.33 1.66
C VAL A 20 -5.33 -6.24 2.82
N SER A 21 -5.78 -5.71 3.95
CA SER A 21 -4.94 -5.50 5.11
C SER A 21 -5.29 -6.39 6.28
N LEU A 22 -4.31 -7.13 6.75
CA LEU A 22 -4.49 -8.01 7.90
C LEU A 22 -4.10 -7.19 9.12
N MET A 23 -4.97 -7.20 10.12
CA MET A 23 -4.83 -6.40 11.34
C MET A 23 -5.04 -7.37 12.49
N GLY A 24 -3.98 -7.67 13.22
CA GLY A 24 -4.09 -8.47 14.42
C GLY A 24 -3.30 -7.84 15.55
N ARG A 25 -3.87 -7.86 16.75
CA ARG A 25 -3.21 -7.28 17.92
C ARG A 25 -2.08 -8.12 18.50
N ASP A 26 -2.14 -9.44 18.30
CA ASP A 26 -1.18 -10.35 18.89
C ASP A 26 -0.98 -11.56 18.01
N ILE A 27 -0.08 -12.45 18.42
CA ILE A 27 0.29 -13.59 17.56
C ILE A 27 -0.94 -14.46 17.29
N ASN A 28 -1.74 -14.70 18.33
CA ASN A 28 -2.94 -15.55 18.18
C ASN A 28 -3.94 -14.97 17.20
N SER A 29 -4.17 -13.65 17.29
CA SER A 29 -5.12 -13.03 16.38
CA SER A 29 -5.10 -12.97 16.40
C SER A 29 -4.54 -12.91 14.97
N VAL A 30 -3.23 -12.70 14.84
CA VAL A 30 -2.61 -12.73 13.51
C VAL A 30 -2.80 -14.11 12.87
N LYS A 31 -2.60 -15.18 13.64
CA LYS A 31 -2.83 -16.55 13.14
C LYS A 31 -4.24 -16.71 12.64
N ALA A 32 -5.22 -16.32 13.46
CA ALA A 32 -6.63 -16.50 13.11
C ALA A 32 -6.97 -15.71 11.87
N GLU A 33 -6.47 -14.47 11.78
CA GLU A 33 -6.77 -13.64 10.64
C GLU A 33 -6.14 -14.21 9.37
N ALA A 34 -4.92 -14.76 9.47
CA ALA A 34 -4.27 -15.31 8.28
C ALA A 34 -5.07 -16.47 7.72
N LEU A 35 -5.60 -17.30 8.62
CA LEU A 35 -6.40 -18.43 8.16
C LEU A 35 -7.71 -18.00 7.50
N ALA A 36 -8.32 -16.93 7.99
CA ALA A 36 -9.53 -16.39 7.36
C ALA A 36 -9.16 -15.72 6.04
N TYR A 37 -8.09 -14.95 6.04
CA TYR A 37 -7.77 -14.19 4.85
C TYR A 37 -7.43 -15.05 3.65
N ARG A 38 -6.87 -16.23 3.89
CA ARG A 38 -6.46 -17.08 2.78
C ARG A 38 -7.68 -17.71 2.08
N GLU A 39 -8.89 -17.47 2.62
CA GLU A 39 -10.14 -17.86 1.96
C GLU A 39 -10.84 -16.72 1.28
N ALA A 40 -10.13 -15.59 1.15
CA ALA A 40 -10.60 -14.46 0.34
C ALA A 40 -9.76 -14.40 -0.94
N THR A 41 -10.30 -13.76 -1.99
CA THR A 41 -9.60 -13.61 -3.27
C THR A 41 -9.13 -12.17 -3.41
N PHE A 42 -7.81 -12.06 -3.57
CA PHE A 42 -7.15 -10.76 -3.73
C PHE A 42 -5.74 -11.01 -4.24
N ASP A 43 -5.04 -9.92 -4.57
CA ASP A 43 -3.71 -10.05 -5.19
C ASP A 43 -2.54 -9.92 -4.23
N ILE A 44 -2.65 -8.99 -3.28
CA ILE A 44 -1.53 -8.64 -2.38
C ILE A 44 -2.04 -8.57 -0.95
N LEU A 45 -1.32 -9.20 -0.03
CA LEU A 45 -1.65 -9.11 1.39
C LEU A 45 -0.76 -8.04 2.02
N GLU A 46 -1.40 -7.04 2.62
CA GLU A 46 -0.69 -6.10 3.45
C GLU A 46 -0.83 -6.48 4.89
N TRP A 47 0.26 -6.57 5.62
CA TRP A 47 0.20 -6.74 7.08
C TRP A 47 0.37 -5.37 7.69
N ARG A 48 -0.69 -4.90 8.38
CA ARG A 48 -0.68 -3.61 9.12
C ARG A 48 -0.08 -3.83 10.48
N VAL A 49 1.23 -3.72 10.51
CA VAL A 49 2.06 -3.96 11.68
C VAL A 49 1.72 -3.03 12.82
N ASP A 50 1.25 -1.82 12.51
CA ASP A 50 0.93 -0.88 13.57
C ASP A 50 -0.25 -1.31 14.45
N HIS A 51 -1.06 -2.27 13.99
CA HIS A 51 -2.12 -2.84 14.85
C HIS A 51 -1.57 -3.85 15.88
N PHE A 52 -0.34 -4.32 15.68
CA PHE A 52 0.29 -5.32 16.56
C PHE A 52 0.78 -4.66 17.83
N MET A 53 0.33 -5.15 18.99
CA MET A 53 0.67 -4.44 20.23
C MET A 53 2.11 -4.64 20.72
N ASP A 54 2.72 -5.78 20.46
CA ASP A 54 4.10 -6.03 20.91
C ASP A 54 5.15 -5.54 19.88
N ILE A 55 4.98 -4.29 19.48
CA ILE A 55 5.77 -3.63 18.47
C ILE A 55 7.21 -3.39 18.92
N ALA A 56 7.42 -3.29 20.23
CA ALA A 56 8.77 -3.04 20.77
C ALA A 56 9.72 -4.19 20.50
N SER A 57 9.16 -5.40 20.42
CA SER A 57 9.96 -6.59 20.16
C SER A 57 10.04 -6.93 18.69
N THR A 58 11.22 -6.71 18.12
CA THR A 58 11.48 -7.08 16.76
C THR A 58 11.25 -8.56 16.54
N GLN A 59 11.71 -9.39 17.47
CA GLN A 59 11.49 -10.82 17.34
C GLN A 59 10.01 -11.21 17.37
N SER A 60 9.19 -10.55 18.19
CA SER A 60 7.73 -10.86 18.19
C SER A 60 7.12 -10.49 16.85
N VAL A 61 7.55 -9.34 16.31
CA VAL A 61 7.12 -8.93 14.98
C VAL A 61 7.50 -9.97 13.92
N LEU A 62 8.74 -10.44 13.97
CA LEU A 62 9.20 -11.42 12.98
C LEU A 62 8.47 -12.77 13.13
N THR A 63 8.14 -13.15 14.35
CA THR A 63 7.33 -14.35 14.61
C THR A 63 5.95 -14.24 13.96
N ALA A 64 5.32 -13.08 14.12
CA ALA A 64 4.02 -12.85 13.48
C ALA A 64 4.16 -12.87 11.94
N ALA A 65 5.23 -12.29 11.41
CA ALA A 65 5.44 -12.35 9.96
C ALA A 65 5.50 -13.81 9.47
N ARG A 66 6.23 -14.63 10.21
CA ARG A 66 6.35 -16.07 9.92
CA ARG A 66 6.35 -16.06 9.89
C ARG A 66 4.99 -16.76 9.91
N VAL A 67 4.16 -16.45 10.90
CA VAL A 67 2.79 -17.01 10.94
C VAL A 67 2.02 -16.71 9.66
N ILE A 68 2.14 -15.48 9.20
CA ILE A 68 1.43 -15.06 7.99
C ILE A 68 1.98 -15.79 6.75
N ARG A 69 3.29 -15.81 6.60
CA ARG A 69 3.91 -16.45 5.45
C ARG A 69 3.62 -17.97 5.45
N ASP A 70 3.66 -18.59 6.62
CA ASP A 70 3.32 -20.03 6.73
C ASP A 70 1.91 -20.30 6.25
N ALA A 71 0.96 -19.46 6.65
CA ALA A 71 -0.42 -19.59 6.23
C ALA A 71 -0.62 -19.39 4.73
N MET A 72 0.14 -18.46 4.13
CA MET A 72 0.03 -18.08 2.73
C MET A 72 1.40 -18.05 2.07
N PRO A 73 1.93 -19.24 1.74
CA PRO A 73 3.30 -19.28 1.21
C PRO A 73 3.53 -18.61 -0.14
N ASP A 74 2.48 -18.39 -0.92
CA ASP A 74 2.61 -17.93 -2.29
C ASP A 74 2.09 -16.51 -2.51
N ILE A 75 1.63 -15.84 -1.45
CA ILE A 75 1.03 -14.51 -1.62
C ILE A 75 2.08 -13.41 -1.64
N PRO A 76 1.95 -12.43 -2.52
CA PRO A 76 2.75 -11.21 -2.36
C PRO A 76 2.43 -10.59 -0.99
N LEU A 77 3.46 -10.30 -0.19
CA LEU A 77 3.32 -9.83 1.15
C LEU A 77 4.01 -8.47 1.31
N LEU A 78 3.20 -7.50 1.70
CA LEU A 78 3.60 -6.10 1.91
C LEU A 78 3.59 -5.81 3.42
N PHE A 79 4.74 -5.44 3.96
CA PHE A 79 4.90 -5.13 5.38
C PHE A 79 4.75 -3.63 5.59
N THR A 80 3.73 -3.21 6.35
CA THR A 80 3.41 -1.80 6.55
C THR A 80 3.20 -1.46 8.01
N PHE A 81 4.09 -0.61 8.53
CA PHE A 81 3.82 0.08 9.77
C PHE A 81 3.32 1.46 9.38
N ARG A 82 2.04 1.72 9.62
CA ARG A 82 1.42 3.03 9.38
C ARG A 82 1.48 3.83 10.66
N SER A 83 2.20 4.96 10.61
CA SER A 83 2.33 5.78 11.80
C SER A 83 1.00 6.47 12.15
N ALA A 84 0.81 6.76 13.45
CA ALA A 84 -0.41 7.47 13.89
C ALA A 84 -0.59 8.83 13.17
N LYS A 85 0.54 9.52 12.95
CA LYS A 85 0.61 10.80 12.20
C LYS A 85 -0.07 10.67 10.83
N GLU A 86 0.06 9.51 10.19
CA GLU A 86 -0.53 9.23 8.88
C GLU A 86 -1.75 8.28 8.94
N GLY A 87 -2.48 8.28 10.07
CA GLY A 87 -3.74 7.50 10.16
C GLY A 87 -3.62 6.12 10.77
N GLY A 88 -2.43 5.76 11.22
CA GLY A 88 -2.17 4.46 11.85
C GLY A 88 -2.51 4.41 13.32
N GLU A 89 -2.24 3.26 13.92
CA GLU A 89 -2.70 2.98 15.27
C GLU A 89 -1.79 3.40 16.38
N GLN A 90 -0.51 3.56 16.11
CA GLN A 90 0.41 3.90 17.18
C GLN A 90 1.62 4.64 16.63
N THR A 91 2.40 5.17 17.55
CA THR A 91 3.62 5.92 17.25
C THR A 91 4.84 5.21 17.81
N ILE A 92 5.89 5.13 17.00
CA ILE A 92 7.20 4.62 17.44
C ILE A 92 8.23 5.62 16.97
N THR A 93 9.46 5.43 17.45
CA THR A 93 10.56 6.28 17.07
C THR A 93 10.92 6.00 15.63
N THR A 94 11.50 6.99 14.98
CA THR A 94 12.02 6.80 13.63
C THR A 94 13.05 5.68 13.62
N GLN A 95 13.92 5.64 14.63
CA GLN A 95 14.95 4.60 14.69
C GLN A 95 14.31 3.18 14.73
N HIS A 96 13.29 3.02 15.58
CA HIS A 96 12.66 1.69 15.71
C HIS A 96 11.86 1.36 14.45
N TYR A 97 11.20 2.34 13.84
CA TYR A 97 10.51 2.15 12.54
C TYR A 97 11.47 1.61 11.48
N LEU A 98 12.65 2.21 11.39
CA LEU A 98 13.64 1.76 10.44
C LEU A 98 14.14 0.39 10.81
N THR A 99 14.33 0.13 12.09
CA THR A 99 14.78 -1.20 12.54
C THR A 99 13.79 -2.30 12.16
N LEU A 100 12.50 -2.04 12.36
CA LEU A 100 11.48 -3.02 12.02
C LEU A 100 11.46 -3.29 10.54
N ASN A 101 11.50 -2.23 9.72
CA ASN A 101 11.49 -2.43 8.28
C ASN A 101 12.72 -3.18 7.77
N ARG A 102 13.90 -2.90 8.36
CA ARG A 102 15.11 -3.59 7.95
C ARG A 102 15.04 -5.06 8.37
N ALA A 103 14.49 -5.34 9.55
CA ALA A 103 14.30 -6.71 10.00
C ALA A 103 13.37 -7.47 9.05
N ALA A 104 12.27 -6.84 8.65
CA ALA A 104 11.37 -7.44 7.66
C ALA A 104 12.10 -7.76 6.36
N ILE A 105 12.87 -6.80 5.88
CA ILE A 105 13.66 -7.01 4.66
C ILE A 105 14.59 -8.21 4.82
N ASP A 106 15.35 -8.22 5.91
CA ASP A 106 16.35 -9.26 6.16
C ASP A 106 15.75 -10.64 6.28
N SER A 107 14.49 -10.73 6.73
CA SER A 107 13.88 -12.03 7.03
C SER A 107 13.68 -12.91 5.81
N GLY A 108 13.58 -12.29 4.64
CA GLY A 108 13.20 -13.02 3.44
C GLY A 108 11.73 -13.38 3.37
N LEU A 109 10.94 -13.00 4.37
CA LEU A 109 9.51 -13.35 4.45
C LEU A 109 8.61 -12.42 3.64
N VAL A 110 9.10 -11.20 3.36
CA VAL A 110 8.26 -10.16 2.76
C VAL A 110 8.77 -9.76 1.38
N ASP A 111 7.83 -9.48 0.49
CA ASP A 111 8.12 -9.08 -0.86
C ASP A 111 8.33 -7.58 -1.02
N MET A 112 7.59 -6.82 -0.20
CA MET A 112 7.58 -5.35 -0.28
CA MET A 112 7.56 -5.36 -0.29
C MET A 112 7.48 -4.77 1.12
N ILE A 113 8.00 -3.56 1.28
CA ILE A 113 7.74 -2.79 2.50
C ILE A 113 7.13 -1.45 2.07
N ASP A 114 6.43 -0.84 3.03
CA ASP A 114 5.90 0.51 2.93
C ASP A 114 6.87 1.45 3.65
N LEU A 115 7.28 2.54 3.03
CA LEU A 115 8.05 3.57 3.72
C LEU A 115 7.35 4.88 3.53
N GLU A 116 7.07 5.57 4.64
CA GLU A 116 6.41 6.89 4.55
C GLU A 116 7.39 7.98 4.13
N LEU A 117 7.11 8.66 3.03
CA LEU A 117 7.94 9.75 2.52
C LEU A 117 8.39 10.69 3.63
N PHE A 118 7.45 11.14 4.45
CA PHE A 118 7.76 12.17 5.44
C PHE A 118 8.50 11.68 6.69
N THR A 119 8.94 10.42 6.69
CA THR A 119 9.95 9.98 7.65
C THR A 119 11.22 10.82 7.59
N GLY A 120 11.57 11.27 6.40
CA GLY A 120 12.75 12.11 6.17
C GLY A 120 13.53 11.60 4.96
N ASP A 121 13.94 12.51 4.07
CA ASP A 121 14.53 12.10 2.80
C ASP A 121 15.74 11.18 2.97
N ALA A 122 16.66 11.55 3.85
CA ALA A 122 17.90 10.77 3.97
C ALA A 122 17.64 9.36 4.51
N ASP A 123 16.80 9.23 5.54
CA ASP A 123 16.47 7.92 6.09
C ASP A 123 15.70 7.09 5.08
N VAL A 124 14.75 7.72 4.39
CA VAL A 124 14.00 7.00 3.36
C VAL A 124 14.92 6.48 2.26
N LYS A 125 15.76 7.36 1.70
CA LYS A 125 16.63 6.95 0.62
C LYS A 125 17.55 5.79 1.06
N ALA A 126 18.09 5.84 2.28
CA ALA A 126 19.00 4.79 2.77
C ALA A 126 18.31 3.43 2.91
N THR A 127 17.03 3.56 3.32
CA THR A 127 16.24 2.36 3.55
C THR A 127 15.78 1.77 2.21
N VAL A 128 15.44 2.62 1.25
CA VAL A 128 15.17 2.17 -0.11
C VAL A 128 16.38 1.39 -0.67
N ASP A 129 17.57 1.96 -0.50
CA ASP A 129 18.76 1.31 -1.03
C ASP A 129 18.99 -0.04 -0.31
N TYR A 130 18.71 -0.10 0.97
CA TYR A 130 18.82 -1.35 1.75
C TYR A 130 17.83 -2.39 1.23
N ALA A 131 16.59 -1.93 1.04
CA ALA A 131 15.59 -2.87 0.48
C ALA A 131 16.03 -3.44 -0.87
N HIS A 132 16.45 -2.53 -1.76
CA HIS A 132 16.86 -2.95 -3.10
C HIS A 132 18.07 -3.86 -3.11
N ALA A 133 18.99 -3.65 -2.17
CA ALA A 133 20.18 -4.51 -2.03
C ALA A 133 19.79 -5.91 -1.60
N HIS A 134 18.61 -6.05 -1.00
CA HIS A 134 18.07 -7.34 -0.56
C HIS A 134 16.81 -7.81 -1.29
N ASN A 135 16.63 -7.32 -2.51
CA ASN A 135 15.58 -7.78 -3.41
C ASN A 135 14.15 -7.62 -2.85
N VAL A 136 13.94 -6.52 -2.13
CA VAL A 136 12.63 -6.12 -1.65
C VAL A 136 12.23 -4.79 -2.29
N TYR A 137 10.97 -4.72 -2.73
CA TYR A 137 10.41 -3.50 -3.36
C TYR A 137 9.83 -2.60 -2.29
N VAL A 138 9.76 -1.31 -2.64
CA VAL A 138 9.25 -0.30 -1.73
C VAL A 138 8.04 0.41 -2.33
N VAL A 139 6.96 0.36 -1.56
CA VAL A 139 5.81 1.23 -1.76
C VAL A 139 6.09 2.44 -0.90
N MET A 140 6.34 3.59 -1.50
CA MET A 140 6.62 4.80 -0.72
C MET A 140 5.32 5.55 -0.61
N SER A 141 4.98 6.01 0.61
CA SER A 141 3.62 6.43 0.85
C SER A 141 3.49 7.78 1.55
N ASN A 142 2.29 8.33 1.38
CA ASN A 142 1.88 9.52 2.08
C ASN A 142 0.39 9.51 2.25
N HIS A 143 -0.07 9.98 3.40
CA HIS A 143 -1.51 9.99 3.73
C HIS A 143 -1.84 11.29 4.39
N ASP A 144 -2.89 11.94 3.89
CA ASP A 144 -3.44 13.15 4.50
C ASP A 144 -4.86 12.86 4.90
N PHE A 145 -5.06 12.69 6.20
CA PHE A 145 -6.38 12.35 6.71
C PHE A 145 -7.27 13.55 6.93
N HIS A 146 -6.75 14.75 6.67
CA HIS A 146 -7.52 15.97 6.91
C HIS A 146 -8.02 16.61 5.63
N GLN A 147 -7.25 16.60 4.57
CA GLN A 147 -7.57 17.39 3.41
C GLN A 147 -6.91 16.82 2.16
N THR A 148 -7.23 17.45 1.01
CA THR A 148 -6.65 17.11 -0.27
C THR A 148 -5.80 18.27 -0.77
N PRO A 149 -4.48 18.04 -0.94
CA PRO A 149 -3.64 19.06 -1.59
C PRO A 149 -4.09 19.34 -3.02
N SER A 150 -3.59 20.40 -3.61
CA SER A 150 -3.84 20.62 -5.03
C SER A 150 -3.28 19.46 -5.89
N ALA A 151 -3.81 19.32 -7.09
CA ALA A 151 -3.31 18.32 -8.01
C ALA A 151 -1.83 18.52 -8.28
N GLU A 152 -1.43 19.78 -8.44
CA GLU A 152 -0.01 20.03 -8.71
C GLU A 152 0.89 19.63 -7.53
N GLU A 153 0.43 19.86 -6.29
CA GLU A 153 1.19 19.45 -5.10
CA GLU A 153 1.19 19.44 -5.08
C GLU A 153 1.28 17.92 -5.05
N MET A 154 0.19 17.24 -5.32
CA MET A 154 0.18 15.76 -5.27
C MET A 154 1.09 15.15 -6.31
N VAL A 155 1.09 15.72 -7.52
CA VAL A 155 2.00 15.27 -8.57
C VAL A 155 3.43 15.48 -8.12
N LEU A 156 3.76 16.66 -7.63
CA LEU A 156 5.14 16.85 -7.18
C LEU A 156 5.54 15.94 -6.04
N ARG A 157 4.61 15.64 -5.13
CA ARG A 157 4.90 14.71 -4.03
C ARG A 157 5.16 13.28 -4.57
N LEU A 158 4.35 12.82 -5.52
CA LEU A 158 4.58 11.49 -6.14
C LEU A 158 5.89 11.46 -6.95
N ARG A 159 6.21 12.58 -7.62
CA ARG A 159 7.45 12.65 -8.39
C ARG A 159 8.66 12.59 -7.43
N LYS A 160 8.55 13.21 -6.26
CA LYS A 160 9.64 13.18 -5.27
C LYS A 160 9.85 11.75 -4.79
N MET A 161 8.78 11.01 -4.59
CA MET A 161 8.91 9.60 -4.19
C MET A 161 9.65 8.82 -5.24
N GLN A 162 9.31 9.03 -6.52
CA GLN A 162 10.05 8.42 -7.65
CA GLN A 162 10.08 8.35 -7.56
C GLN A 162 11.55 8.75 -7.52
N ALA A 163 11.84 10.03 -7.31
CA ALA A 163 13.21 10.49 -7.24
C ALA A 163 14.02 9.86 -6.10
N LEU A 164 13.35 9.56 -5.00
CA LEU A 164 13.98 8.88 -3.87
C LEU A 164 14.09 7.37 -4.05
N GLY A 165 13.66 6.84 -5.19
CA GLY A 165 13.81 5.43 -5.52
C GLY A 165 12.61 4.55 -5.26
N ALA A 166 11.45 5.14 -4.95
CA ALA A 166 10.23 4.32 -4.74
C ALA A 166 10.00 3.43 -5.96
N ASP A 167 9.64 2.19 -5.72
CA ASP A 167 9.16 1.35 -6.82
C ASP A 167 7.73 1.69 -7.17
N ILE A 168 6.92 2.00 -6.15
CA ILE A 168 5.50 2.35 -6.30
C ILE A 168 5.16 3.49 -5.35
N PRO A 169 5.14 4.72 -5.85
CA PRO A 169 4.60 5.82 -5.07
C PRO A 169 3.12 5.65 -4.76
N LYS A 170 2.73 6.11 -3.58
CA LYS A 170 1.34 5.95 -3.09
CA LYS A 170 1.34 5.99 -3.12
C LYS A 170 0.89 7.21 -2.35
N ILE A 171 -0.29 7.70 -2.68
CA ILE A 171 -0.88 8.79 -1.90
C ILE A 171 -2.34 8.52 -1.64
N ALA A 172 -2.73 8.76 -0.37
CA ALA A 172 -4.13 8.74 0.05
C ALA A 172 -4.47 10.06 0.67
N VAL A 173 -5.59 10.64 0.24
CA VAL A 173 -5.99 11.97 0.71
C VAL A 173 -7.47 12.00 1.04
N MET A 174 -7.83 12.87 1.97
CA MET A 174 -9.17 13.02 2.48
C MET A 174 -9.92 14.12 1.76
N PRO A 175 -11.00 13.79 1.06
CA PRO A 175 -11.79 14.86 0.41
C PRO A 175 -12.60 15.65 1.45
N GLN A 176 -12.61 16.97 1.27
CA GLN A 176 -13.53 17.82 2.03
C GLN A 176 -14.71 18.26 1.19
N SER A 177 -14.78 17.80 -0.06
CA SER A 177 -15.82 18.14 -1.02
C SER A 177 -15.73 17.11 -2.13
N LYS A 178 -16.76 17.05 -2.95
CA LYS A 178 -16.72 16.19 -4.13
C LYS A 178 -15.70 16.66 -5.14
N HIS A 179 -15.51 17.98 -5.22
CA HIS A 179 -14.47 18.51 -6.08
C HIS A 179 -13.10 17.92 -5.75
N ASP A 180 -12.79 17.74 -4.47
CA ASP A 180 -11.51 17.18 -4.07
C ASP A 180 -11.31 15.77 -4.60
N VAL A 181 -12.37 15.01 -4.79
CA VAL A 181 -12.27 13.68 -5.40
C VAL A 181 -11.80 13.81 -6.84
N LEU A 182 -12.39 14.75 -7.59
CA LEU A 182 -11.92 15.00 -8.95
C LEU A 182 -10.47 15.48 -8.99
N THR A 183 -10.07 16.28 -8.01
CA THR A 183 -8.66 16.71 -7.92
C THR A 183 -7.71 15.53 -7.81
N LEU A 184 -8.08 14.55 -6.99
CA LEU A 184 -7.26 13.34 -6.85
C LEU A 184 -7.21 12.54 -8.13
N LEU A 185 -8.33 12.41 -8.82
CA LEU A 185 -8.34 11.73 -10.14
C LEU A 185 -7.52 12.50 -11.18
N THR A 186 -7.54 13.83 -11.12
CA THR A 186 -6.80 14.66 -12.05
C THR A 186 -5.29 14.46 -11.84
N ALA A 187 -4.84 14.43 -10.61
CA ALA A 187 -3.43 14.17 -10.31
C ALA A 187 -3.02 12.81 -10.78
N THR A 188 -3.87 11.83 -10.59
CA THR A 188 -3.58 10.46 -10.97
C THR A 188 -3.38 10.39 -12.48
N LEU A 189 -4.30 11.00 -13.22
CA LEU A 189 -4.22 11.03 -14.68
C LEU A 189 -2.97 11.76 -15.14
N GLU A 190 -2.60 12.84 -14.47
CA GLU A 190 -1.38 13.58 -14.86
C GLU A 190 -0.14 12.71 -14.72
N MET A 191 -0.09 11.87 -13.68
CA MET A 191 1.02 10.92 -13.59
C MET A 191 0.99 9.93 -14.76
N GLN A 192 -0.18 9.40 -15.11
CA GLN A 192 -0.30 8.44 -16.21
C GLN A 192 0.12 9.01 -17.53
N GLN A 193 -0.18 10.29 -17.74
CA GLN A 193 0.03 10.90 -19.05
C GLN A 193 1.42 11.48 -19.20
N HIS A 194 2.01 11.95 -18.10
CA HIS A 194 3.21 12.77 -18.17
C HIS A 194 4.37 12.33 -17.29
N TYR A 195 4.12 11.46 -16.30
CA TYR A 195 5.16 11.01 -15.36
C TYR A 195 5.02 9.50 -15.15
N ALA A 196 4.95 8.75 -16.25
CA ALA A 196 4.61 7.33 -16.25
C ALA A 196 5.87 6.46 -16.14
N ASP A 197 6.76 6.77 -15.21
CA ASP A 197 7.98 5.99 -15.01
CA ASP A 197 8.00 5.99 -15.05
C ASP A 197 7.79 4.85 -14.05
N ARG A 198 6.91 5.03 -13.06
CA ARG A 198 6.65 4.03 -12.03
CA ARG A 198 6.63 4.04 -12.01
C ARG A 198 5.12 3.87 -11.86
N PRO A 199 4.65 2.64 -11.54
CA PRO A 199 3.21 2.52 -11.18
C PRO A 199 2.97 3.38 -9.93
N VAL A 200 1.80 4.02 -9.86
CA VAL A 200 1.39 4.76 -8.67
C VAL A 200 0.08 4.20 -8.16
N ILE A 201 -0.08 4.32 -6.85
CA ILE A 201 -1.33 3.97 -6.19
C ILE A 201 -1.92 5.25 -5.62
N THR A 202 -3.17 5.55 -5.96
CA THR A 202 -3.84 6.74 -5.41
C THR A 202 -5.22 6.46 -4.95
N MET A 203 -5.66 7.20 -3.93
CA MET A 203 -7.03 7.10 -3.43
C MET A 203 -7.45 8.36 -2.75
N SER A 204 -8.71 8.70 -2.98
CA SER A 204 -9.46 9.65 -2.19
C SER A 204 -10.26 8.83 -1.20
N MET A 205 -10.07 9.11 0.09
CA MET A 205 -10.70 8.34 1.16
C MET A 205 -12.14 8.69 1.40
N ALA A 206 -12.76 7.88 2.28
CA ALA A 206 -14.12 8.10 2.78
C ALA A 206 -15.17 7.79 1.72
N LYS A 207 -16.42 7.99 2.09
CA LYS A 207 -17.50 7.56 1.21
C LYS A 207 -17.48 8.37 -0.07
N GLU A 208 -17.24 9.70 0.05
CA GLU A 208 -17.23 10.52 -1.16
C GLU A 208 -16.16 10.09 -2.14
N GLY A 209 -15.03 9.56 -1.64
CA GLY A 209 -13.93 9.16 -2.48
C GLY A 209 -14.02 7.79 -3.08
N VAL A 210 -15.01 6.99 -2.75
CA VAL A 210 -15.07 5.57 -3.16
CA VAL A 210 -15.02 5.58 -3.15
C VAL A 210 -14.84 5.36 -4.65
N ILE A 211 -15.36 6.26 -5.48
CA ILE A 211 -15.17 6.09 -6.92
C ILE A 211 -13.68 5.97 -7.30
N SER A 212 -12.82 6.65 -6.54
CA SER A 212 -11.38 6.58 -6.82
C SER A 212 -10.77 5.24 -6.57
N ARG A 213 -11.41 4.40 -5.75
CA ARG A 213 -10.95 3.06 -5.49
C ARG A 213 -11.43 2.09 -6.55
N LEU A 214 -12.33 2.54 -7.43
CA LEU A 214 -12.91 1.71 -8.48
C LEU A 214 -12.37 2.04 -9.87
N ALA A 215 -11.92 3.29 -10.09
CA ALA A 215 -11.56 3.81 -11.43
C ALA A 215 -10.06 3.78 -11.73
N GLY A 216 -9.33 2.91 -11.05
CA GLY A 216 -7.89 2.84 -11.22
C GLY A 216 -7.44 2.50 -12.61
N GLU A 217 -8.19 1.67 -13.34
CA GLU A 217 -7.71 1.26 -14.62
C GLU A 217 -7.72 2.39 -15.64
N VAL A 218 -8.78 3.19 -15.64
CA VAL A 218 -8.86 4.24 -16.62
C VAL A 218 -7.89 5.42 -16.29
N PHE A 219 -7.80 5.84 -15.03
CA PHE A 219 -7.00 7.05 -14.71
C PHE A 219 -5.57 6.78 -14.22
N GLY A 220 -5.26 5.54 -13.87
CA GLY A 220 -3.89 5.15 -13.59
C GLY A 220 -3.49 4.91 -12.15
N SER A 221 -4.38 4.29 -11.38
CA SER A 221 -3.98 3.81 -10.06
C SER A 221 -3.77 2.30 -10.20
N ALA A 222 -2.56 1.86 -9.84
CA ALA A 222 -2.12 0.47 -10.06
C ALA A 222 -2.64 -0.57 -9.08
N ALA A 223 -3.20 -0.11 -7.95
CA ALA A 223 -3.74 -1.00 -6.93
C ALA A 223 -4.84 -0.27 -6.14
N THR A 224 -5.65 -1.08 -5.47
CA THR A 224 -6.76 -0.57 -4.70
C THR A 224 -6.99 -1.52 -3.52
N PHE A 225 -7.42 -0.94 -2.40
CA PHE A 225 -7.64 -1.69 -1.14
C PHE A 225 -9.10 -1.99 -0.96
N GLY A 226 -9.36 -3.25 -0.62
CA GLY A 226 -10.69 -3.70 -0.20
C GLY A 226 -10.65 -4.26 1.24
N ALA A 227 -11.84 -4.45 1.81
CA ALA A 227 -11.99 -4.91 3.19
C ALA A 227 -12.46 -6.37 3.20
N VAL A 228 -11.85 -7.22 4.01
CA VAL A 228 -12.30 -8.60 4.18
C VAL A 228 -13.48 -8.59 5.16
N LYS A 229 -13.26 -8.11 6.37
CA LYS A 229 -14.37 -7.82 7.30
C LYS A 229 -14.41 -6.39 7.83
N GLN A 230 -13.25 -5.84 8.20
CA GLN A 230 -13.12 -4.46 8.69
C GLN A 230 -12.21 -3.68 7.74
N ALA A 231 -12.61 -2.45 7.41
CA ALA A 231 -11.78 -1.55 6.61
C ALA A 231 -10.53 -1.17 7.38
N SER A 232 -9.41 -1.07 6.66
CA SER A 232 -8.15 -0.59 7.23
C SER A 232 -7.96 0.92 7.00
N ALA A 233 -8.88 1.54 6.26
CA ALA A 233 -8.93 3.00 6.11
C ALA A 233 -10.32 3.37 5.65
N PRO A 234 -10.75 4.62 5.91
CA PRO A 234 -12.10 5.02 5.50
C PRO A 234 -12.33 4.93 4.01
N GLY A 235 -13.47 4.34 3.62
CA GLY A 235 -13.90 4.29 2.23
C GLY A 235 -13.73 2.96 1.54
N GLN A 236 -12.94 2.05 2.11
CA GLN A 236 -12.84 0.72 1.53
C GLN A 236 -14.18 0.00 1.54
N ILE A 237 -14.46 -0.71 0.46
CA ILE A 237 -15.65 -1.55 0.36
C ILE A 237 -15.27 -3.02 0.46
N ALA A 238 -16.27 -3.87 0.61
CA ALA A 238 -16.06 -5.30 0.69
C ALA A 238 -15.27 -5.79 -0.49
N VAL A 239 -14.24 -6.58 -0.22
CA VAL A 239 -13.32 -7.00 -1.28
C VAL A 239 -13.98 -7.74 -2.46
N ASN A 240 -14.97 -8.60 -2.22
CA ASN A 240 -15.65 -9.24 -3.34
C ASN A 240 -16.40 -8.24 -4.24
N ASP A 241 -16.98 -7.20 -3.63
CA ASP A 241 -17.68 -6.14 -4.39
C ASP A 241 -16.67 -5.29 -5.18
N LEU A 242 -15.52 -5.03 -4.57
CA LEU A 242 -14.45 -4.33 -5.27
C LEU A 242 -14.02 -5.13 -6.50
N ARG A 243 -13.77 -6.42 -6.31
CA ARG A 243 -13.39 -7.30 -7.40
CA ARG A 243 -13.38 -7.28 -7.42
C ARG A 243 -14.43 -7.31 -8.53
N SER A 244 -15.70 -7.36 -8.15
CA SER A 244 -16.77 -7.37 -9.15
C SER A 244 -16.73 -6.11 -10.03
N VAL A 245 -16.58 -4.96 -9.39
CA VAL A 245 -16.52 -3.70 -10.13
C VAL A 245 -15.29 -3.62 -11.03
N LEU A 246 -14.13 -4.00 -10.50
CA LEU A 246 -12.91 -3.95 -11.30
C LEU A 246 -13.05 -4.81 -12.55
N MET A 247 -13.63 -6.00 -12.40
CA MET A 247 -13.81 -6.90 -13.55
CA MET A 247 -13.77 -6.87 -13.57
C MET A 247 -14.76 -6.30 -14.61
N ILE A 248 -15.85 -5.73 -14.14
CA ILE A 248 -16.81 -5.09 -15.05
C ILE A 248 -16.14 -3.95 -15.83
N LEU A 249 -15.35 -3.13 -15.14
CA LEU A 249 -14.65 -2.02 -15.85
C LEU A 249 -13.59 -2.52 -16.83
N HIS A 250 -12.86 -3.56 -16.43
CA HIS A 250 -11.81 -4.12 -17.27
C HIS A 250 -12.39 -4.67 -18.57
N ASN A 251 -13.58 -5.28 -18.49
CA ASN A 251 -14.22 -5.95 -19.62
C ASN A 251 -15.31 -5.15 -20.32
N ALA A 252 -15.46 -3.88 -19.95
CA ALA A 252 -16.53 -3.05 -20.52
C ALA A 252 -16.31 -2.75 -21.99
#